data_8GXM
#
_entry.id   8GXM
#
_cell.length_a   60.160
_cell.length_b   60.160
_cell.length_c   177.768
_cell.angle_alpha   90.000
_cell.angle_beta   90.000
_cell.angle_gamma   120.000
#
_symmetry.space_group_name_H-M   'P 61'
#
_entity_poly.entity_id   1
_entity_poly.type   'polypeptide(L)'
_entity_poly.pdbx_seq_one_letter_code
;GVTELSDAQKKQLKEQQEMQQMYDMIMQHKRAMQDMQLLWEKAVQQHQHGYDSDEEVDSELGTWEHQLRRMEMDKTREWA
EQLTKMGRGKHFIGDFLPPDELEKFMETFKALKEGREPDYSEYKEFKLTVENIGYQMLMKMGWKEGEGLGSEGQ
;
_entity_poly.pdbx_strand_id   A,B
#
# COMPACT_ATOMS: atom_id res chain seq x y z
N GLU A 4 9.54 -7.06 39.20
CA GLU A 4 9.47 -8.27 38.39
C GLU A 4 8.08 -8.46 37.79
N LEU A 5 7.99 -8.46 36.46
CA LEU A 5 6.71 -8.48 35.78
C LEU A 5 6.23 -9.91 35.59
N SER A 6 4.90 -10.07 35.61
CA SER A 6 4.17 -11.27 35.22
C SER A 6 4.55 -11.78 33.82
N ASP A 7 4.17 -13.01 33.41
CA ASP A 7 4.23 -13.32 31.98
C ASP A 7 3.37 -12.34 31.22
N ALA A 8 2.12 -12.22 31.65
CA ALA A 8 1.19 -11.31 31.00
C ALA A 8 1.85 -9.97 30.74
N GLN A 9 2.35 -9.34 31.81
CA GLN A 9 3.03 -8.06 31.64
C GLN A 9 4.24 -8.19 30.73
N LYS A 10 5.10 -9.19 30.96
CA LYS A 10 6.37 -9.26 30.22
C LYS A 10 6.15 -9.34 28.71
N LYS A 11 5.10 -10.04 28.29
CA LYS A 11 4.79 -10.20 26.87
C LYS A 11 3.99 -9.04 26.31
N GLN A 12 3.31 -8.27 27.17
CA GLN A 12 2.64 -7.05 26.71
C GLN A 12 3.64 -6.06 26.12
N LEU A 13 4.75 -5.81 26.84
CA LEU A 13 5.68 -4.80 26.35
C LEU A 13 6.46 -5.29 25.15
N LYS A 14 6.90 -6.53 25.16
CA LYS A 14 7.64 -6.99 23.99
C LYS A 14 6.75 -6.96 22.77
N GLU A 15 5.46 -7.22 22.94
CA GLU A 15 4.52 -6.94 21.88
C GLU A 15 4.51 -5.44 21.56
N GLN A 16 4.30 -4.61 22.59
CA GLN A 16 4.27 -3.16 22.40
C GLN A 16 5.57 -2.65 21.82
N GLN A 17 6.71 -3.07 22.40
CA GLN A 17 8.00 -2.66 21.86
C GLN A 17 8.15 -3.06 20.40
N GLU A 18 7.71 -4.26 20.04
CA GLU A 18 7.89 -4.69 18.66
C GLU A 18 6.99 -3.92 17.70
N MET A 19 5.78 -3.58 18.14
CA MET A 19 4.93 -2.70 17.35
C MET A 19 5.64 -1.37 17.07
N GLN A 20 6.02 -0.65 18.12
CA GLN A 20 6.77 0.58 17.97
C GLN A 20 8.07 0.36 17.20
N GLN A 21 8.72 -0.78 17.42
CA GLN A 21 10.00 -1.03 16.77
C GLN A 21 9.89 -0.95 15.26
N MET A 22 8.75 -1.35 14.71
CA MET A 22 8.63 -1.36 13.26
C MET A 22 7.75 -0.25 12.70
N TYR A 23 6.84 0.31 13.50
CA TYR A 23 6.24 1.59 13.14
C TYR A 23 7.32 2.60 12.81
N ASP A 24 8.18 2.84 13.81
CA ASP A 24 9.37 3.66 13.60
C ASP A 24 10.12 3.22 12.36
N MET A 25 10.28 1.92 12.18
CA MET A 25 11.03 1.47 11.01
C MET A 25 10.35 1.92 9.73
N ILE A 26 9.02 2.09 9.75
CA ILE A 26 8.29 2.45 8.55
C ILE A 26 8.44 3.94 8.27
N MET A 27 8.15 4.78 9.27
CA MET A 27 8.32 6.23 9.14
C MET A 27 9.72 6.60 8.68
N GLN A 28 10.74 5.91 9.19
CA GLN A 28 12.09 6.23 8.76
C GLN A 28 12.27 5.96 7.28
N HIS A 29 11.83 4.78 6.82
CA HIS A 29 11.89 4.54 5.38
C HIS A 29 10.96 5.49 4.63
N LYS A 30 9.81 5.83 5.21
CA LYS A 30 8.89 6.72 4.54
C LYS A 30 9.53 8.09 4.28
N ARG A 31 10.21 8.63 5.30
CA ARG A 31 10.80 9.96 5.14
C ARG A 31 12.01 9.92 4.21
N ALA A 32 12.71 8.79 4.11
CA ALA A 32 13.84 8.72 3.19
C ALA A 32 13.39 8.67 1.74
N MET A 33 12.17 8.17 1.47
CA MET A 33 11.60 8.30 0.14
C MET A 33 11.18 9.74 -0.13
N GLN A 34 10.50 10.36 0.83
CA GLN A 34 10.15 11.77 0.70
C GLN A 34 11.40 12.62 0.44
N ASP A 35 12.51 12.29 1.10
CA ASP A 35 13.77 12.99 0.82
C ASP A 35 14.20 12.78 -0.63
N MET A 36 14.28 11.54 -1.10
CA MET A 36 14.87 11.36 -2.42
C MET A 36 13.92 11.79 -3.53
N GLN A 37 12.63 11.89 -3.25
CA GLN A 37 11.70 12.46 -4.22
C GLN A 37 12.03 13.93 -4.44
N LEU A 38 12.14 14.69 -3.36
CA LEU A 38 12.38 16.13 -3.46
C LEU A 38 13.68 16.44 -4.19
N LEU A 39 14.77 15.75 -3.81
CA LEU A 39 16.02 15.87 -4.55
C LEU A 39 15.81 15.50 -6.02
N TRP A 40 15.05 14.45 -6.30
CA TRP A 40 14.76 14.12 -7.69
C TRP A 40 13.90 15.19 -8.34
N GLU A 41 12.97 15.77 -7.60
CA GLU A 41 12.15 16.86 -8.13
C GLU A 41 13.03 18.00 -8.62
N LYS A 42 13.76 18.65 -7.71
CA LYS A 42 14.63 19.75 -8.13
C LYS A 42 15.73 19.29 -9.07
N ALA A 43 15.99 17.98 -9.19
CA ALA A 43 16.92 17.49 -10.20
C ALA A 43 16.34 17.60 -11.60
N VAL A 44 15.02 17.46 -11.74
CA VAL A 44 14.40 17.62 -13.06
C VAL A 44 13.90 19.05 -13.28
N GLN A 45 13.89 19.89 -12.25
CA GLN A 45 13.60 21.30 -12.46
C GLN A 45 14.70 21.98 -13.27
N GLN A 46 15.96 21.79 -12.84
CA GLN A 46 17.05 22.61 -13.39
C GLN A 46 17.34 22.24 -14.84
N HIS A 47 17.49 20.95 -15.13
CA HIS A 47 17.58 20.56 -16.54
C HIS A 47 16.19 20.63 -17.18
N THR A 63 22.84 11.29 -16.25
CA THR A 63 22.05 12.42 -15.79
C THR A 63 21.87 12.38 -14.27
N TRP A 64 21.91 13.56 -13.63
CA TRP A 64 21.72 13.64 -12.19
C TRP A 64 20.36 13.10 -11.76
N GLU A 65 19.35 13.26 -12.63
CA GLU A 65 18.05 12.64 -12.45
C GLU A 65 18.21 11.13 -12.24
N HIS A 66 19.20 10.54 -12.92
CA HIS A 66 19.23 9.09 -13.02
C HIS A 66 19.81 8.42 -11.78
N GLN A 67 21.05 8.74 -11.39
CA GLN A 67 21.53 8.17 -10.13
C GLN A 67 20.54 8.48 -9.02
N LEU A 68 19.81 9.60 -9.12
CA LEU A 68 18.81 9.87 -8.09
C LEU A 68 17.72 8.79 -8.10
N ARG A 69 17.24 8.43 -9.30
CA ARG A 69 16.37 7.26 -9.40
C ARG A 69 17.11 6.01 -8.97
N ARG A 70 18.42 5.93 -9.23
CA ARG A 70 19.16 4.69 -9.01
C ARG A 70 19.30 4.38 -7.51
N MET A 71 19.73 5.37 -6.72
CA MET A 71 19.89 5.12 -5.30
C MET A 71 18.59 5.16 -4.55
N GLU A 72 17.55 5.75 -5.12
CA GLU A 72 16.23 5.52 -4.58
C GLU A 72 15.87 4.04 -4.70
N MET A 73 16.00 3.48 -5.90
CA MET A 73 15.82 2.05 -6.09
C MET A 73 16.70 1.25 -5.12
N ASP A 74 17.91 1.72 -4.85
CA ASP A 74 18.79 0.90 -4.03
C ASP A 74 18.50 1.02 -2.55
N LYS A 75 17.55 1.87 -2.17
CA LYS A 75 17.09 1.91 -0.79
C LYS A 75 15.79 1.16 -0.60
N THR A 76 14.94 1.14 -1.62
CA THR A 76 13.77 0.29 -1.54
C THR A 76 14.20 -1.19 -1.50
N ARG A 77 15.21 -1.56 -2.31
CA ARG A 77 15.75 -2.92 -2.21
C ARG A 77 16.33 -3.19 -0.83
N GLU A 78 16.71 -2.13 -0.10
CA GLU A 78 17.22 -2.28 1.26
C GLU A 78 16.10 -2.41 2.26
N TRP A 79 15.04 -1.59 2.10
CA TRP A 79 13.81 -1.73 2.86
C TRP A 79 13.30 -3.17 2.81
N ALA A 80 13.03 -3.64 1.59
CA ALA A 80 12.68 -5.04 1.36
C ALA A 80 13.58 -5.98 2.13
N GLU A 81 14.91 -5.87 1.92
CA GLU A 81 15.86 -6.70 2.64
C GLU A 81 15.65 -6.62 4.14
N GLN A 82 15.22 -5.47 4.66
CA GLN A 82 15.09 -5.35 6.11
C GLN A 82 13.76 -5.90 6.61
N LEU A 83 12.69 -5.75 5.83
CA LEU A 83 11.43 -6.38 6.21
C LEU A 83 11.56 -7.90 6.24
N THR A 84 12.18 -8.49 5.21
CA THR A 84 12.19 -9.96 5.14
C THR A 84 12.88 -10.60 6.35
N LYS A 85 13.87 -9.92 6.95
CA LYS A 85 14.57 -10.48 8.11
C LYS A 85 13.62 -10.69 9.28
N MET A 86 12.57 -9.88 9.40
CA MET A 86 11.59 -10.10 10.47
C MET A 86 10.64 -11.25 10.14
N ILE A 93 6.35 -14.55 3.73
CA ILE A 93 6.47 -13.42 2.82
C ILE A 93 5.67 -13.75 1.56
N GLY A 94 5.62 -15.03 1.20
CA GLY A 94 4.48 -15.48 0.43
C GLY A 94 3.16 -15.46 1.18
N ASP A 95 3.17 -15.00 2.44
CA ASP A 95 1.94 -14.83 3.21
C ASP A 95 1.08 -13.66 2.71
N PHE A 96 1.58 -12.88 1.74
CA PHE A 96 0.91 -11.67 1.28
C PHE A 96 0.70 -11.61 -0.22
N LEU A 97 1.18 -12.58 -0.99
CA LEU A 97 1.06 -12.53 -2.44
C LEU A 97 0.65 -13.88 -3.00
N PRO A 98 -0.38 -13.93 -3.85
CA PRO A 98 -0.64 -15.15 -4.59
C PRO A 98 0.52 -15.47 -5.50
N PRO A 99 0.70 -16.74 -5.87
CA PRO A 99 1.95 -17.15 -6.54
C PRO A 99 2.28 -16.40 -7.82
N ASP A 100 1.27 -15.99 -8.60
CA ASP A 100 1.50 -15.08 -9.72
C ASP A 100 2.23 -13.82 -9.29
N GLU A 101 1.57 -12.99 -8.47
CA GLU A 101 2.21 -11.78 -7.99
C GLU A 101 3.50 -12.07 -7.25
N LEU A 102 3.65 -13.27 -6.71
CA LEU A 102 4.83 -13.57 -5.90
C LEU A 102 6.08 -13.69 -6.74
N GLU A 103 5.96 -14.24 -7.95
CA GLU A 103 7.20 -14.47 -8.70
C GLU A 103 7.65 -13.20 -9.41
N LYS A 104 6.71 -12.44 -10.01
CA LYS A 104 7.09 -11.14 -10.55
C LYS A 104 7.79 -10.31 -9.48
N PHE A 105 7.34 -10.44 -8.24
CA PHE A 105 8.02 -9.81 -7.12
C PHE A 105 9.47 -10.29 -7.00
N MET A 106 9.67 -11.60 -7.02
CA MET A 106 11.01 -12.10 -6.71
C MET A 106 11.99 -11.84 -7.85
N GLU A 107 11.54 -11.88 -9.10
CA GLU A 107 12.40 -11.53 -10.21
C GLU A 107 12.97 -10.13 -10.03
N THR A 108 12.08 -9.15 -9.81
CA THR A 108 12.51 -7.78 -9.70
C THR A 108 13.26 -7.51 -8.40
N PHE A 109 13.04 -8.32 -7.35
CA PHE A 109 13.93 -8.24 -6.20
C PHE A 109 15.33 -8.71 -6.58
N LYS A 110 15.41 -9.76 -7.40
CA LYS A 110 16.70 -10.29 -7.81
C LYS A 110 17.44 -9.26 -8.68
N ALA A 111 16.76 -8.69 -9.66
CA ALA A 111 17.41 -7.75 -10.56
C ALA A 111 18.02 -6.57 -9.82
N LEU A 112 17.36 -6.04 -8.79
CA LEU A 112 18.00 -4.96 -8.06
C LEU A 112 19.16 -5.48 -7.24
N LYS A 113 19.09 -6.73 -6.76
CA LYS A 113 20.23 -7.29 -6.03
C LYS A 113 21.46 -7.40 -6.94
N GLU A 114 21.24 -7.52 -8.25
CA GLU A 114 22.31 -7.73 -9.21
C GLU A 114 22.56 -6.49 -10.05
N GLY A 115 22.24 -5.32 -9.51
CA GLY A 115 22.51 -4.08 -10.21
C GLY A 115 21.86 -3.96 -11.57
N ARG A 116 20.84 -4.74 -11.86
CA ARG A 116 20.10 -4.47 -13.07
C ARG A 116 19.11 -3.34 -12.80
N GLU A 117 18.42 -2.91 -13.86
CA GLU A 117 17.45 -1.82 -13.79
C GLU A 117 16.18 -2.29 -14.47
N PRO A 118 15.11 -2.53 -13.73
CA PRO A 118 13.88 -3.01 -14.34
C PRO A 118 13.13 -1.86 -14.98
N ASP A 119 12.20 -2.20 -15.87
CA ASP A 119 11.51 -1.10 -16.52
C ASP A 119 10.61 -0.44 -15.51
N TYR A 120 10.38 0.86 -15.68
CA TYR A 120 9.93 1.71 -14.59
C TYR A 120 8.68 1.13 -13.90
N SER A 121 7.71 0.70 -14.70
CA SER A 121 6.46 0.19 -14.13
C SER A 121 6.72 -1.04 -13.27
N GLU A 122 7.62 -1.92 -13.72
CA GLU A 122 7.98 -3.06 -12.91
C GLU A 122 8.54 -2.61 -11.57
N TYR A 123 9.43 -1.61 -11.57
CA TYR A 123 9.95 -1.13 -10.30
C TYR A 123 8.86 -0.45 -9.47
N LYS A 124 7.96 0.30 -10.12
CA LYS A 124 6.87 0.92 -9.39
C LYS A 124 6.07 -0.14 -8.63
N GLU A 125 5.57 -1.15 -9.35
CA GLU A 125 4.77 -2.18 -8.69
C GLU A 125 5.53 -2.85 -7.58
N PHE A 126 6.86 -2.84 -7.67
CA PHE A 126 7.68 -3.42 -6.60
C PHE A 126 7.73 -2.51 -5.38
N LYS A 127 7.98 -1.21 -5.60
CA LYS A 127 8.05 -0.27 -4.48
C LYS A 127 6.73 -0.23 -3.72
N LEU A 128 5.62 -0.19 -4.46
CA LEU A 128 4.32 -0.15 -3.81
C LEU A 128 4.03 -1.44 -3.07
N THR A 129 4.42 -2.59 -3.64
CA THR A 129 4.09 -3.85 -2.97
C THR A 129 4.80 -3.96 -1.63
N VAL A 130 6.12 -3.76 -1.61
CA VAL A 130 6.83 -3.85 -0.33
C VAL A 130 6.27 -2.83 0.66
N GLU A 131 5.95 -1.63 0.19
CA GLU A 131 5.32 -0.67 1.07
C GLU A 131 4.06 -1.25 1.69
N ASN A 132 3.20 -1.88 0.87
CA ASN A 132 1.99 -2.43 1.42
C ASN A 132 2.28 -3.61 2.33
N ILE A 133 3.33 -4.37 2.04
CA ILE A 133 3.64 -5.49 2.90
C ILE A 133 4.01 -5.01 4.29
N GLY A 134 4.83 -3.95 4.37
CA GLY A 134 5.18 -3.39 5.66
C GLY A 134 3.99 -2.85 6.41
N TYR A 135 3.05 -2.22 5.69
CA TYR A 135 1.84 -1.72 6.34
C TYR A 135 1.04 -2.86 6.92
N GLN A 136 0.99 -3.99 6.19
CA GLN A 136 0.18 -5.14 6.57
C GLN A 136 0.68 -5.79 7.85
N MET A 137 1.99 -6.03 7.96
CA MET A 137 2.45 -6.66 9.19
C MET A 137 2.36 -5.73 10.39
N LEU A 138 2.57 -4.42 10.23
CA LEU A 138 2.29 -3.53 11.36
C LEU A 138 0.85 -3.68 11.81
N MET A 139 -0.03 -4.11 10.92
CA MET A 139 -1.41 -4.26 11.33
C MET A 139 -1.65 -5.53 12.13
N LYS A 140 -1.12 -6.66 11.67
CA LYS A 140 -1.25 -7.89 12.43
C LYS A 140 -0.80 -7.68 13.87
N MET A 141 0.24 -6.88 14.08
CA MET A 141 0.68 -6.57 15.44
C MET A 141 -0.33 -5.70 16.18
N GLY A 142 -0.84 -4.66 15.52
CA GLY A 142 -1.66 -3.66 16.19
C GLY A 142 -3.12 -4.03 16.31
N TRP A 143 -3.53 -5.18 15.79
CA TRP A 143 -4.94 -5.52 15.72
C TRP A 143 -5.23 -7.03 15.80
N VAL B 2 -26.56 8.34 20.47
CA VAL B 2 -26.13 8.22 21.87
C VAL B 2 -26.36 9.54 22.62
N THR B 3 -26.82 9.44 23.88
CA THR B 3 -27.47 10.49 24.64
C THR B 3 -26.67 11.78 24.91
N GLU B 4 -26.23 11.94 26.15
CA GLU B 4 -25.69 13.21 26.65
C GLU B 4 -24.18 13.07 26.79
N LEU B 5 -23.48 13.41 25.73
CA LEU B 5 -22.03 13.31 25.67
C LEU B 5 -21.42 14.70 25.78
N SER B 6 -20.43 14.85 26.65
CA SER B 6 -19.65 16.08 26.65
C SER B 6 -19.04 16.30 25.27
N ASP B 7 -18.65 17.54 25.00
CA ASP B 7 -17.86 17.80 23.79
C ASP B 7 -16.60 16.95 23.78
N ALA B 8 -16.01 16.67 24.94
CA ALA B 8 -14.92 15.71 24.97
C ALA B 8 -15.38 14.36 24.46
N GLN B 9 -16.41 13.80 25.10
CA GLN B 9 -16.84 12.44 24.78
C GLN B 9 -17.28 12.30 23.33
N LYS B 10 -17.97 13.30 22.78
CA LYS B 10 -18.36 13.26 21.37
C LYS B 10 -17.13 13.06 20.48
N LYS B 11 -15.99 13.65 20.86
CA LYS B 11 -14.79 13.61 20.03
C LYS B 11 -14.07 12.27 20.13
N GLN B 12 -13.98 11.69 21.33
CA GLN B 12 -13.30 10.41 21.46
C GLN B 12 -14.11 9.30 20.80
N LEU B 13 -15.43 9.47 20.72
CA LEU B 13 -16.23 8.42 20.12
C LEU B 13 -16.12 8.44 18.61
N LYS B 14 -16.21 9.62 18.00
CA LYS B 14 -16.07 9.73 16.56
C LYS B 14 -14.71 9.25 16.09
N GLU B 15 -13.67 9.53 16.87
CA GLU B 15 -12.33 9.04 16.55
C GLU B 15 -12.30 7.52 16.58
N GLN B 16 -12.75 6.92 17.68
CA GLN B 16 -12.79 5.47 17.76
C GLN B 16 -13.62 4.88 16.62
N GLN B 17 -14.73 5.52 16.25
CA GLN B 17 -15.59 4.90 15.26
C GLN B 17 -15.04 5.04 13.85
N GLU B 18 -14.58 6.25 13.48
CA GLU B 18 -13.98 6.41 12.17
C GLU B 18 -12.65 5.66 12.04
N MET B 19 -11.96 5.39 13.15
CA MET B 19 -10.84 4.47 13.09
C MET B 19 -11.30 3.04 12.86
N GLN B 20 -12.40 2.64 13.49
CA GLN B 20 -12.80 1.25 13.34
C GLN B 20 -13.36 0.98 11.95
N GLN B 21 -14.15 1.91 11.41
CA GLN B 21 -14.68 1.67 10.08
C GLN B 21 -13.59 1.72 9.02
N MET B 22 -12.52 2.50 9.27
CA MET B 22 -11.35 2.48 8.38
C MET B 22 -10.71 1.09 8.34
N TYR B 23 -10.49 0.50 9.52
CA TYR B 23 -10.06 -0.89 9.60
C TYR B 23 -11.04 -1.82 8.86
N ASP B 24 -12.32 -1.73 9.18
CA ASP B 24 -13.29 -2.64 8.58
C ASP B 24 -13.21 -2.58 7.06
N MET B 25 -13.24 -1.36 6.52
CA MET B 25 -13.16 -1.16 5.08
C MET B 25 -11.90 -1.80 4.49
N ILE B 26 -10.80 -1.77 5.25
CA ILE B 26 -9.58 -2.42 4.78
C ILE B 26 -9.78 -3.93 4.73
N MET B 27 -10.39 -4.50 5.76
CA MET B 27 -10.59 -5.95 5.80
C MET B 27 -11.61 -6.40 4.77
N GLN B 28 -12.66 -5.62 4.56
CA GLN B 28 -13.65 -6.03 3.58
C GLN B 28 -13.12 -5.88 2.15
N HIS B 29 -12.27 -4.88 1.90
CA HIS B 29 -11.61 -4.80 0.59
C HIS B 29 -10.63 -5.95 0.44
N LYS B 30 -9.77 -6.13 1.43
CA LYS B 30 -8.86 -7.27 1.41
C LYS B 30 -9.61 -8.55 1.11
N ARG B 31 -10.74 -8.75 1.79
CA ARG B 31 -11.50 -10.00 1.64
C ARG B 31 -12.11 -10.11 0.25
N ALA B 32 -12.69 -9.01 -0.25
CA ALA B 32 -13.24 -8.97 -1.61
C ALA B 32 -12.22 -9.43 -2.64
N MET B 33 -10.98 -8.97 -2.53
CA MET B 33 -9.95 -9.32 -3.49
C MET B 33 -9.59 -10.81 -3.40
N GLN B 34 -9.60 -11.39 -2.20
CA GLN B 34 -9.43 -12.83 -2.08
C GLN B 34 -10.55 -13.56 -2.79
N ASP B 35 -11.75 -13.00 -2.76
CA ASP B 35 -12.88 -13.63 -3.44
C ASP B 35 -12.64 -13.69 -4.95
N MET B 36 -12.18 -12.58 -5.54
CA MET B 36 -11.91 -12.56 -6.99
C MET B 36 -10.77 -13.50 -7.35
N GLN B 37 -9.76 -13.60 -6.48
CA GLN B 37 -8.62 -14.47 -6.72
C GLN B 37 -9.06 -15.92 -6.86
N LEU B 38 -9.79 -16.42 -5.85
CA LEU B 38 -10.36 -17.76 -5.90
C LEU B 38 -11.11 -17.99 -7.21
N LEU B 39 -11.92 -17.02 -7.66
CA LEU B 39 -12.71 -17.24 -8.87
C LEU B 39 -11.83 -17.36 -10.10
N TRP B 40 -10.88 -16.45 -10.24
CA TRP B 40 -9.86 -16.64 -11.27
C TRP B 40 -9.22 -18.01 -11.14
N GLU B 41 -8.83 -18.39 -9.93
CA GLU B 41 -8.01 -19.60 -9.77
C GLU B 41 -8.76 -20.84 -10.25
N LYS B 42 -10.08 -20.85 -10.12
CA LYS B 42 -10.88 -21.93 -10.69
C LYS B 42 -11.28 -21.66 -12.13
N ALA B 43 -11.38 -20.39 -12.53
CA ALA B 43 -11.67 -20.08 -13.92
C ALA B 43 -10.62 -20.69 -14.84
N VAL B 44 -9.36 -20.75 -14.39
CA VAL B 44 -8.34 -21.45 -15.15
C VAL B 44 -8.46 -22.96 -14.95
N GLN B 45 -8.92 -23.40 -13.75
CA GLN B 45 -9.19 -24.82 -13.46
C GLN B 45 -10.38 -25.36 -14.25
N GLN B 46 -10.83 -24.51 -15.15
CA GLN B 46 -11.70 -24.87 -16.25
C GLN B 46 -10.95 -24.81 -17.59
N GLY B 62 -11.20 -17.78 -22.01
CA GLY B 62 -11.49 -16.86 -23.11
C GLY B 62 -11.85 -15.45 -22.66
N THR B 63 -13.10 -15.29 -22.22
CA THR B 63 -13.61 -14.01 -21.79
C THR B 63 -14.03 -13.99 -20.32
N TRP B 64 -14.08 -15.17 -19.68
CA TRP B 64 -14.20 -15.24 -18.23
C TRP B 64 -13.21 -14.29 -17.58
N GLU B 65 -11.93 -14.44 -17.90
CA GLU B 65 -10.90 -13.58 -17.34
C GLU B 65 -11.06 -12.11 -17.70
N HIS B 66 -11.79 -11.78 -18.77
CA HIS B 66 -12.02 -10.37 -19.06
C HIS B 66 -13.04 -9.78 -18.09
N GLN B 67 -14.11 -10.53 -17.76
CA GLN B 67 -15.09 -9.93 -16.86
C GLN B 67 -14.66 -10.00 -15.41
N LEU B 68 -13.92 -11.05 -15.04
CA LEU B 68 -13.30 -11.06 -13.72
C LEU B 68 -12.48 -9.80 -13.50
N ARG B 69 -11.65 -9.45 -14.47
CA ARG B 69 -10.82 -8.27 -14.32
C ARG B 69 -11.67 -7.01 -14.33
N ARG B 70 -12.71 -6.98 -15.17
CA ARG B 70 -13.56 -5.79 -15.18
C ARG B 70 -14.35 -5.69 -13.89
N MET B 71 -14.78 -6.82 -13.33
CA MET B 71 -15.45 -6.78 -12.04
C MET B 71 -14.49 -6.37 -10.92
N GLU B 72 -13.29 -6.94 -10.92
CA GLU B 72 -12.29 -6.50 -9.96
C GLU B 72 -12.02 -5.01 -10.08
N MET B 73 -11.97 -4.49 -11.31
CA MET B 73 -11.76 -3.06 -11.50
C MET B 73 -12.90 -2.25 -10.87
N ASP B 74 -14.14 -2.74 -10.95
CA ASP B 74 -15.27 -2.02 -10.36
C ASP B 74 -15.17 -2.03 -8.84
N LYS B 75 -14.70 -3.15 -8.28
CA LYS B 75 -14.57 -3.21 -6.83
C LYS B 75 -13.52 -2.24 -6.34
N THR B 76 -12.40 -2.16 -7.06
CA THR B 76 -11.33 -1.26 -6.64
C THR B 76 -11.76 0.19 -6.73
N ARG B 77 -12.60 0.54 -7.72
CA ARG B 77 -13.08 1.92 -7.80
C ARG B 77 -13.94 2.26 -6.60
N GLU B 78 -14.87 1.37 -6.25
CA GLU B 78 -15.73 1.67 -5.12
C GLU B 78 -14.95 1.64 -3.83
N TRP B 79 -13.91 0.81 -3.73
CA TRP B 79 -12.98 0.92 -2.63
C TRP B 79 -12.38 2.33 -2.59
N ALA B 80 -11.89 2.80 -3.75
CA ALA B 80 -11.36 4.15 -3.84
C ALA B 80 -12.42 5.19 -3.47
N GLU B 81 -13.63 5.05 -4.00
CA GLU B 81 -14.68 6.02 -3.70
C GLU B 81 -15.04 6.04 -2.22
N GLN B 82 -14.97 4.88 -1.56
CA GLN B 82 -15.13 4.87 -0.11
C GLN B 82 -14.02 5.69 0.53
N LEU B 83 -12.79 5.48 0.09
CA LEU B 83 -11.64 6.14 0.73
C LEU B 83 -11.79 7.65 0.71
N THR B 84 -12.25 8.21 -0.42
CA THR B 84 -12.30 9.66 -0.52
C THR B 84 -13.27 10.28 0.48
N LYS B 85 -14.37 9.60 0.83
CA LYS B 85 -15.27 10.18 1.83
C LYS B 85 -14.85 9.85 3.27
N MET B 86 -13.67 9.25 3.48
CA MET B 86 -13.13 9.28 4.83
C MET B 86 -12.41 10.60 5.12
N GLY B 87 -11.85 11.26 4.11
CA GLY B 87 -11.16 12.52 4.30
C GLY B 87 -11.98 13.76 3.95
N ILE B 93 -6.41 14.39 -0.33
CA ILE B 93 -5.91 13.22 -1.06
C ILE B 93 -4.54 13.56 -1.64
N GLY B 94 -4.33 14.81 -1.99
CA GLY B 94 -2.97 15.22 -2.30
C GLY B 94 -2.04 15.09 -1.12
N ASP B 95 -2.57 14.78 0.06
CA ASP B 95 -1.76 14.57 1.24
C ASP B 95 -0.67 13.53 0.99
N PHE B 96 -0.97 12.50 0.18
CA PHE B 96 -0.19 11.27 0.11
C PHE B 96 0.60 11.10 -1.18
N LEU B 97 0.41 11.95 -2.19
CA LEU B 97 1.08 11.73 -3.45
C LEU B 97 1.85 12.96 -3.90
N PRO B 98 3.01 12.80 -4.52
CA PRO B 98 3.64 13.91 -5.22
C PRO B 98 2.86 14.23 -6.50
N PRO B 99 3.00 15.46 -7.03
CA PRO B 99 2.12 15.88 -8.14
C PRO B 99 2.12 14.96 -9.35
N ASP B 100 3.29 14.48 -9.79
CA ASP B 100 3.34 13.60 -10.95
C ASP B 100 2.45 12.38 -10.77
N GLU B 101 2.52 11.75 -9.60
CA GLU B 101 1.73 10.56 -9.34
C GLU B 101 0.26 10.85 -9.08
N LEU B 102 -0.08 12.08 -8.66
CA LEU B 102 -1.49 12.43 -8.40
C LEU B 102 -2.31 12.51 -9.68
N GLU B 103 -1.76 13.08 -10.77
CA GLU B 103 -2.61 13.18 -11.95
C GLU B 103 -2.71 11.85 -12.68
N LYS B 104 -1.62 11.08 -12.76
CA LYS B 104 -1.77 9.69 -13.19
C LYS B 104 -2.82 9.00 -12.33
N PHE B 105 -2.84 9.32 -11.03
CA PHE B 105 -3.81 8.68 -10.16
C PHE B 105 -5.22 9.08 -10.55
N MET B 106 -5.44 10.38 -10.79
CA MET B 106 -6.78 10.86 -11.04
C MET B 106 -7.24 10.54 -12.46
N GLU B 107 -6.30 10.34 -13.37
CA GLU B 107 -6.69 9.89 -14.70
C GLU B 107 -7.31 8.49 -14.64
N THR B 108 -6.61 7.54 -14.04
CA THR B 108 -7.15 6.20 -13.85
C THR B 108 -8.50 6.25 -13.14
N PHE B 109 -8.53 6.88 -11.96
CA PHE B 109 -9.78 6.94 -11.19
C PHE B 109 -10.90 7.37 -12.10
N LYS B 110 -10.69 8.52 -12.79
CA LYS B 110 -11.64 9.02 -13.76
C LYS B 110 -12.05 7.94 -14.77
N ALA B 111 -11.05 7.27 -15.37
CA ALA B 111 -11.33 6.25 -16.37
C ALA B 111 -12.22 5.15 -15.81
N LEU B 112 -11.86 4.61 -14.64
CA LEU B 112 -12.70 3.60 -14.02
C LEU B 112 -14.08 4.16 -13.74
N LYS B 113 -14.14 5.42 -13.33
CA LYS B 113 -15.42 6.01 -12.97
C LYS B 113 -16.33 6.14 -14.19
N GLU B 114 -15.76 6.30 -15.39
CA GLU B 114 -16.52 6.42 -16.63
C GLU B 114 -16.69 5.08 -17.35
N GLY B 115 -16.49 3.96 -16.67
CA GLY B 115 -16.67 2.66 -17.31
C GLY B 115 -15.62 2.26 -18.34
N ARG B 116 -14.62 3.09 -18.62
CA ARG B 116 -13.57 2.60 -19.52
C ARG B 116 -12.45 1.91 -18.75
N GLU B 117 -11.78 0.99 -19.43
CA GLU B 117 -10.89 -0.01 -18.87
C GLU B 117 -9.44 0.45 -19.06
N PRO B 118 -8.78 1.00 -18.03
CA PRO B 118 -7.41 1.55 -18.19
C PRO B 118 -6.38 0.52 -18.65
N ASP B 119 -5.16 1.03 -18.88
CA ASP B 119 -4.02 0.16 -19.13
C ASP B 119 -3.74 -0.71 -17.93
N TYR B 120 -3.57 -2.00 -18.19
CA TYR B 120 -3.47 -2.98 -17.14
C TYR B 120 -2.36 -2.69 -16.15
N SER B 121 -1.25 -2.09 -16.56
CA SER B 121 -0.27 -1.78 -15.53
C SER B 121 -0.56 -0.46 -14.85
N GLU B 122 -1.33 0.44 -15.49
CA GLU B 122 -1.69 1.65 -14.77
C GLU B 122 -2.78 1.35 -13.75
N TYR B 123 -3.71 0.46 -14.11
CA TYR B 123 -4.70 0.02 -13.15
C TYR B 123 -4.06 -0.68 -11.95
N LYS B 124 -3.02 -1.47 -12.20
CA LYS B 124 -2.37 -2.17 -11.10
C LYS B 124 -1.62 -1.21 -10.21
N GLU B 125 -0.96 -0.23 -10.82
CA GLU B 125 -0.39 0.88 -10.07
C GLU B 125 -1.45 1.53 -9.19
N PHE B 126 -2.69 1.57 -9.67
CA PHE B 126 -3.76 2.24 -8.98
C PHE B 126 -4.33 1.39 -7.85
N LYS B 127 -4.56 0.11 -8.11
CA LYS B 127 -4.99 -0.80 -7.06
C LYS B 127 -4.06 -0.69 -5.86
N LEU B 128 -2.75 -0.77 -6.11
CA LEU B 128 -1.78 -0.76 -5.03
C LEU B 128 -1.76 0.58 -4.33
N THR B 129 -2.14 1.65 -5.01
CA THR B 129 -1.98 2.97 -4.45
C THR B 129 -3.12 3.30 -3.52
N VAL B 130 -4.34 2.92 -3.88
CA VAL B 130 -5.44 3.04 -2.91
C VAL B 130 -5.16 2.14 -1.71
N GLU B 131 -4.76 0.88 -1.96
CA GLU B 131 -4.39 0.02 -0.84
C GLU B 131 -3.38 0.76 0.05
N ASN B 132 -2.35 1.33 -0.57
CA ASN B 132 -1.30 2.01 0.16
C ASN B 132 -1.83 3.19 0.95
N ILE B 133 -2.58 4.07 0.29
CA ILE B 133 -3.16 5.22 0.98
C ILE B 133 -4.06 4.77 2.12
N GLY B 134 -4.88 3.74 1.88
CA GLY B 134 -5.72 3.22 2.95
C GLY B 134 -4.93 2.90 4.21
N TYR B 135 -3.88 2.10 4.06
CA TYR B 135 -3.03 1.76 5.19
C TYR B 135 -2.43 3.02 5.81
N GLN B 136 -2.08 3.99 4.98
CA GLN B 136 -1.46 5.19 5.54
C GLN B 136 -2.47 5.98 6.36
N MET B 137 -3.73 6.01 5.90
CA MET B 137 -4.78 6.69 6.65
C MET B 137 -5.04 6.02 7.99
N LEU B 138 -5.24 4.71 7.96
CA LEU B 138 -5.34 3.97 9.20
C LEU B 138 -4.20 4.32 10.16
N MET B 139 -2.97 4.13 9.72
CA MET B 139 -1.86 4.28 10.66
C MET B 139 -1.75 5.71 11.17
N LYS B 140 -2.32 6.69 10.46
CA LYS B 140 -2.34 8.06 10.95
C LYS B 140 -3.49 8.32 11.91
N MET B 141 -4.28 7.29 12.23
CA MET B 141 -5.28 7.34 13.29
C MET B 141 -4.84 6.58 14.53
N GLY B 142 -4.39 5.33 14.36
CA GLY B 142 -3.85 4.55 15.45
C GLY B 142 -2.51 5.02 15.96
N TRP B 143 -1.93 6.03 15.32
CA TRP B 143 -0.70 6.66 15.79
C TRP B 143 -0.75 8.19 15.56
#